data_5A8I
#
_entry.id   5A8I
#
_cell.length_a   43.570
_cell.length_b   43.570
_cell.length_c   71.830
_cell.angle_alpha   90.00
_cell.angle_beta   90.00
_cell.angle_gamma   90.00
#
_symmetry.space_group_name_H-M   'P 43'
#
loop_
_entity.id
_entity.type
_entity.pdbx_description
1 polymer ARNA
2 non-polymer GLYCEROL
3 non-polymer 'SULFATE ION'
4 water water
#
_entity_poly.entity_id   1
_entity_poly.type   'polypeptide(L)'
_entity_poly.pdbx_seq_one_letter_code
;MTWKCNLCGYENDDDALFCIKCGAQKSSEAQQLPQQQPSEPQAQGVVTQQQVVTNPPVQAQVATPQQPAQQPVLPQPEPA
QPQPVSSTPAPQQASQPTNRYYIYFIQTPNENLVNKKVLLNFDLFPSVSMGRSPENIVIVPDSEVSRKHAVIYLDNSELY
IEDLNSTNGTYVYDGKQFTPIKGKQKIEPNSIIKLGNQTIVRILKEWSHPQFEK
;
_entity_poly.pdbx_strand_id   A
#
# COMPACT_ATOMS: atom_id res chain seq x y z
N PRO A 97 -2.99 2.21 19.26
CA PRO A 97 -3.07 3.66 19.46
C PRO A 97 -1.69 4.33 19.55
N THR A 98 -0.64 3.55 19.30
CA THR A 98 0.72 4.03 19.51
C THR A 98 1.41 4.45 18.19
N ASN A 99 0.81 4.07 17.07
CA ASN A 99 1.36 4.43 15.77
C ASN A 99 0.29 4.85 14.79
N ARG A 100 0.65 5.69 13.83
CA ARG A 100 -0.19 5.98 12.67
C ARG A 100 0.52 5.40 11.44
N TYR A 101 -0.21 4.64 10.64
CA TYR A 101 0.32 4.06 9.39
C TYR A 101 -0.22 4.83 8.21
N TYR A 102 0.62 5.04 7.20
CA TYR A 102 0.19 5.77 6.01
C TYR A 102 0.65 5.12 4.73
N ILE A 103 -0.10 5.37 3.68
CA ILE A 103 0.37 5.15 2.33
CA ILE A 103 0.38 5.14 2.33
C ILE A 103 0.71 6.51 1.74
N TYR A 104 1.97 6.69 1.35
CA TYR A 104 2.44 7.94 0.77
C TYR A 104 2.68 7.75 -0.72
N PHE A 105 2.07 8.59 -1.54
CA PHE A 105 2.17 8.42 -2.97
C PHE A 105 3.37 9.16 -3.55
N ILE A 106 4.39 8.39 -3.92
CA ILE A 106 5.63 8.92 -4.49
C ILE A 106 5.41 9.35 -5.95
N GLN A 107 4.73 8.49 -6.71
CA GLN A 107 4.30 8.78 -8.09
C GLN A 107 2.98 8.07 -8.35
N THR A 108 2.07 8.77 -9.01
CA THR A 108 0.82 8.17 -9.42
C THR A 108 0.18 9.16 -10.39
N PRO A 109 -0.65 8.66 -11.32
CA PRO A 109 -1.16 9.53 -12.38
C PRO A 109 -2.06 10.68 -11.92
N ASN A 110 -2.88 10.45 -10.88
CA ASN A 110 -3.80 11.48 -10.40
C ASN A 110 -3.05 12.60 -9.70
N GLU A 111 -3.11 13.79 -10.28
CA GLU A 111 -2.40 14.95 -9.75
C GLU A 111 -2.83 15.31 -8.34
N ASN A 112 -4.07 14.94 -7.98
CA ASN A 112 -4.59 15.26 -6.66
C ASN A 112 -4.23 14.21 -5.61
N LEU A 113 -3.55 13.14 -6.04
CA LEU A 113 -3.16 12.09 -5.12
C LEU A 113 -1.65 12.05 -4.93
N VAL A 114 -0.91 12.38 -5.98
CA VAL A 114 0.54 12.32 -5.90
C VAL A 114 1.04 13.20 -4.76
N ASN A 115 2.04 12.68 -4.03
CA ASN A 115 2.61 13.37 -2.88
C ASN A 115 1.68 13.50 -1.68
N LYS A 116 0.55 12.80 -1.70
CA LYS A 116 -0.36 12.79 -0.57
C LYS A 116 0.00 11.66 0.38
N LYS A 117 -0.33 11.89 1.65
CA LYS A 117 -0.11 10.95 2.73
C LYS A 117 -1.50 10.50 3.19
N VAL A 118 -1.86 9.24 2.92
CA VAL A 118 -3.19 8.75 3.27
C VAL A 118 -3.16 7.84 4.51
N LEU A 119 -3.88 8.24 5.53
CA LEU A 119 -3.90 7.52 6.80
C LEU A 119 -4.64 6.20 6.67
N LEU A 120 -4.05 5.15 7.22
CA LEU A 120 -4.68 3.84 7.26
C LEU A 120 -5.16 3.54 8.66
N ASN A 121 -6.41 3.15 8.81
CA ASN A 121 -6.94 2.81 10.12
C ASN A 121 -7.18 1.32 10.19
N PHE A 122 -6.19 0.60 10.72
CA PHE A 122 -6.31 -0.84 10.84
C PHE A 122 -7.22 -1.25 12.00
N ASP A 123 -7.64 -0.30 12.80
CA ASP A 123 -8.63 -0.59 13.84
C ASP A 123 -10.03 -0.73 13.24
N LEU A 124 -10.34 0.06 12.22
CA LEU A 124 -11.65 -0.01 11.57
C LEU A 124 -11.61 -0.95 10.38
N PHE A 125 -10.46 -1.02 9.73
CA PHE A 125 -10.27 -1.86 8.56
C PHE A 125 -9.14 -2.87 8.77
N PRO A 126 -9.47 -4.12 9.13
CA PRO A 126 -8.45 -5.14 9.41
C PRO A 126 -7.52 -5.33 8.22
N SER A 127 -8.04 -5.12 7.02
CA SER A 127 -7.20 -5.07 5.85
C SER A 127 -7.62 -3.88 5.02
N VAL A 128 -6.66 -3.27 4.34
CA VAL A 128 -6.93 -2.08 3.53
C VAL A 128 -6.73 -2.43 2.05
N SER A 129 -7.80 -2.29 1.28
CA SER A 129 -7.80 -2.63 -0.14
CA SER A 129 -7.79 -2.63 -0.13
C SER A 129 -7.32 -1.45 -0.98
N MET A 130 -6.53 -1.76 -2.00
CA MET A 130 -6.04 -0.76 -2.94
C MET A 130 -6.33 -1.20 -4.37
N GLY A 131 -6.78 -0.27 -5.20
CA GLY A 131 -7.04 -0.57 -6.60
C GLY A 131 -7.73 0.60 -7.26
N ARG A 132 -8.00 0.51 -8.56
CA ARG A 132 -8.58 1.65 -9.27
C ARG A 132 -10.09 1.75 -9.08
N SER A 133 -10.72 0.71 -8.55
CA SER A 133 -12.16 0.78 -8.29
C SER A 133 -12.45 1.55 -7.01
N PRO A 134 -13.51 2.36 -7.02
CA PRO A 134 -13.92 3.09 -5.80
C PRO A 134 -14.46 2.14 -4.73
N GLU A 135 -14.59 0.86 -5.05
CA GLU A 135 -14.92 -0.13 -4.03
C GLU A 135 -13.79 -0.25 -3.01
N ASN A 136 -12.56 0.07 -3.42
CA ASN A 136 -11.41 -0.01 -2.49
C ASN A 136 -11.47 1.05 -1.40
N ILE A 137 -10.86 0.73 -0.27
CA ILE A 137 -10.74 1.67 0.83
C ILE A 137 -9.77 2.77 0.41
N VAL A 138 -8.70 2.39 -0.28
CA VAL A 138 -7.80 3.35 -0.89
C VAL A 138 -7.84 3.25 -2.41
N ILE A 139 -8.59 4.13 -3.05
CA ILE A 139 -8.65 4.16 -4.50
C ILE A 139 -7.34 4.73 -5.06
N VAL A 140 -6.87 4.14 -6.15
CA VAL A 140 -5.68 4.58 -6.85
C VAL A 140 -6.08 4.74 -8.32
N PRO A 141 -6.44 5.97 -8.73
CA PRO A 141 -6.90 6.19 -10.11
C PRO A 141 -5.74 6.10 -11.10
N ASP A 142 -5.58 4.90 -11.65
CA ASP A 142 -4.44 4.58 -12.50
C ASP A 142 -4.89 3.43 -13.38
N SER A 143 -4.94 3.65 -14.69
CA SER A 143 -5.43 2.65 -15.64
CA SER A 143 -5.43 2.64 -15.63
C SER A 143 -4.64 1.34 -15.56
N GLU A 144 -3.41 1.40 -15.05
CA GLU A 144 -2.55 0.22 -15.03
CA GLU A 144 -2.55 0.22 -15.02
C GLU A 144 -2.60 -0.50 -13.68
N VAL A 145 -3.39 0.04 -12.77
CA VAL A 145 -3.67 -0.63 -11.50
C VAL A 145 -5.01 -1.34 -11.69
N SER A 146 -5.04 -2.63 -11.39
CA SER A 146 -6.27 -3.41 -11.45
C SER A 146 -7.39 -2.89 -10.56
N ARG A 147 -8.62 -3.24 -10.91
CA ARG A 147 -9.78 -2.78 -10.17
C ARG A 147 -9.62 -3.08 -8.69
N LYS A 148 -9.23 -4.31 -8.38
CA LYS A 148 -8.83 -4.68 -7.03
C LYS A 148 -7.41 -5.26 -7.14
N HIS A 149 -6.42 -4.50 -6.69
CA HIS A 149 -5.02 -4.78 -7.03
C HIS A 149 -4.24 -5.45 -5.91
N ALA A 150 -4.32 -4.86 -4.73
CA ALA A 150 -3.59 -5.39 -3.59
C ALA A 150 -4.30 -5.10 -2.29
N VAL A 151 -3.81 -5.73 -1.25
CA VAL A 151 -4.33 -5.52 0.08
CA VAL A 151 -4.32 -5.51 0.09
C VAL A 151 -3.15 -5.48 1.05
N ILE A 152 -3.24 -4.62 2.04
CA ILE A 152 -2.23 -4.51 3.08
CA ILE A 152 -2.22 -4.50 3.08
CA ILE A 152 -2.23 -4.63 3.09
C ILE A 152 -2.89 -4.65 4.46
N TYR A 153 -2.20 -5.28 5.40
CA TYR A 153 -2.79 -5.53 6.69
C TYR A 153 -1.74 -5.78 7.74
N LEU A 154 -2.17 -5.76 9.01
CA LEU A 154 -1.31 -6.10 10.13
C LEU A 154 -1.61 -7.52 10.58
N ASP A 155 -0.56 -8.28 10.87
CA ASP A 155 -0.71 -9.63 11.41
C ASP A 155 0.43 -9.89 12.37
N ASN A 156 0.09 -10.20 13.61
CA ASN A 156 1.08 -10.36 14.66
C ASN A 156 1.95 -9.10 14.78
N SER A 157 1.32 -7.95 14.57
CA SER A 157 1.96 -6.65 14.74
CA SER A 157 1.96 -6.65 14.74
C SER A 157 2.93 -6.28 13.62
N GLU A 158 2.97 -7.09 12.56
CA GLU A 158 3.82 -6.80 11.41
C GLU A 158 3.00 -6.54 10.16
N LEU A 159 3.54 -5.74 9.24
CA LEU A 159 2.82 -5.38 8.01
C LEU A 159 3.01 -6.40 6.90
N TYR A 160 1.96 -6.65 6.16
CA TYR A 160 2.02 -7.55 5.01
C TYR A 160 1.29 -6.94 3.84
N ILE A 161 1.76 -7.24 2.63
CA ILE A 161 1.04 -6.86 1.43
C ILE A 161 0.83 -8.10 0.57
N GLU A 162 -0.35 -8.19 -0.06
CA GLU A 162 -0.61 -9.28 -1.00
C GLU A 162 -1.20 -8.73 -2.29
N ASP A 163 -0.77 -9.31 -3.39
CA ASP A 163 -1.26 -8.96 -4.71
C ASP A 163 -2.49 -9.82 -5.02
N LEU A 164 -3.54 -9.18 -5.51
CA LEU A 164 -4.80 -9.88 -5.77
C LEU A 164 -4.89 -10.30 -7.23
N ASN A 165 -3.95 -11.14 -7.66
CA ASN A 165 -3.92 -11.60 -9.04
C ASN A 165 -4.03 -10.44 -10.03
N SER A 166 -3.27 -9.39 -9.77
CA SER A 166 -3.32 -8.19 -10.59
C SER A 166 -2.73 -8.45 -11.96
N THR A 167 -3.13 -7.64 -12.92
CA THR A 167 -2.65 -7.77 -14.29
C THR A 167 -1.18 -7.39 -14.41
N ASN A 168 -0.80 -6.26 -13.81
CA ASN A 168 0.54 -5.73 -14.01
C ASN A 168 1.48 -5.93 -12.82
N GLY A 169 0.96 -6.51 -11.75
CA GLY A 169 1.79 -6.97 -10.65
C GLY A 169 2.00 -5.96 -9.54
N THR A 170 2.61 -6.45 -8.46
CA THR A 170 2.92 -5.62 -7.30
C THR A 170 4.37 -5.93 -6.92
N TYR A 171 5.16 -4.89 -6.68
CA TYR A 171 6.61 -5.06 -6.50
C TYR A 171 7.11 -4.33 -5.25
N VAL A 172 8.19 -4.84 -4.69
CA VAL A 172 8.86 -4.16 -3.58
C VAL A 172 10.29 -3.81 -4.00
N TYR A 173 10.74 -2.63 -3.60
CA TYR A 173 12.04 -2.12 -3.98
C TYR A 173 13.05 -2.69 -3.01
N ASP A 174 14.14 -3.23 -3.54
CA ASP A 174 15.12 -3.91 -2.71
C ASP A 174 16.37 -3.05 -2.46
N GLY A 175 16.32 -1.80 -2.90
CA GLY A 175 17.45 -0.89 -2.75
C GLY A 175 18.11 -0.54 -4.08
N LYS A 176 17.92 -1.41 -5.07
CA LYS A 176 18.49 -1.22 -6.39
C LYS A 176 17.41 -1.37 -7.45
N GLN A 177 16.50 -2.31 -7.25
CA GLN A 177 15.47 -2.59 -8.25
C GLN A 177 14.16 -3.06 -7.61
N PHE A 178 13.10 -3.06 -8.40
CA PHE A 178 11.84 -3.64 -7.95
C PHE A 178 11.83 -5.14 -8.25
N THR A 179 11.25 -5.90 -7.32
CA THR A 179 11.09 -7.33 -7.48
CA THR A 179 11.08 -7.34 -7.50
C THR A 179 9.66 -7.71 -7.11
N PRO A 180 9.08 -8.70 -7.80
CA PRO A 180 7.70 -9.08 -7.46
C PRO A 180 7.57 -9.53 -6.02
N ILE A 181 6.51 -9.09 -5.33
CA ILE A 181 6.26 -9.56 -3.98
C ILE A 181 5.90 -11.05 -4.03
N LYS A 182 6.05 -11.74 -2.90
CA LYS A 182 5.78 -13.18 -2.85
C LYS A 182 4.68 -13.53 -1.86
N GLY A 183 3.58 -14.07 -2.39
CA GLY A 183 2.41 -14.39 -1.59
C GLY A 183 2.21 -13.44 -0.44
N LYS A 184 2.32 -13.97 0.78
CA LYS A 184 2.19 -13.15 1.98
C LYS A 184 3.49 -12.39 2.21
N GLN A 185 3.60 -11.21 1.60
CA GLN A 185 4.85 -10.47 1.60
C GLN A 185 4.96 -9.56 2.82
N LYS A 186 5.85 -9.92 3.73
CA LYS A 186 6.10 -9.04 4.87
C LYS A 186 6.84 -7.83 4.39
N ILE A 187 6.43 -6.66 4.88
CA ILE A 187 7.11 -5.42 4.53
C ILE A 187 7.41 -4.66 5.83
N GLU A 188 8.50 -3.90 5.80
CA GLU A 188 8.90 -3.10 6.95
C GLU A 188 8.44 -1.66 6.74
N PRO A 189 8.33 -0.88 7.82
CA PRO A 189 8.06 0.54 7.62
C PRO A 189 9.06 1.14 6.63
N ASN A 190 8.61 2.09 5.83
CA ASN A 190 9.42 2.74 4.80
C ASN A 190 9.65 1.92 3.52
N SER A 191 9.03 0.75 3.44
CA SER A 191 9.13 -0.05 2.22
C SER A 191 8.51 0.72 1.06
N ILE A 192 9.10 0.57 -0.12
CA ILE A 192 8.63 1.22 -1.33
C ILE A 192 8.01 0.15 -2.22
N ILE A 193 6.77 0.39 -2.62
CA ILE A 193 5.95 -0.58 -3.32
C ILE A 193 5.49 0.00 -4.64
N LYS A 194 5.62 -0.77 -5.71
CA LYS A 194 5.08 -0.35 -7.00
C LYS A 194 3.81 -1.14 -7.30
N LEU A 195 2.73 -0.42 -7.56
CA LEU A 195 1.47 -1.04 -7.98
C LEU A 195 1.33 -0.89 -9.48
N GLY A 196 1.48 -1.99 -10.21
CA GLY A 196 1.39 -1.96 -11.66
C GLY A 196 2.62 -1.34 -12.26
N ASN A 197 2.40 -0.38 -13.17
CA ASN A 197 3.49 0.23 -13.93
C ASN A 197 3.79 1.68 -13.58
N GLN A 198 2.79 2.39 -13.02
CA GLN A 198 2.86 3.85 -12.95
C GLN A 198 2.58 4.45 -11.57
N THR A 199 2.43 3.60 -10.57
CA THR A 199 2.18 4.08 -9.21
C THR A 199 3.21 3.47 -8.28
N ILE A 200 3.87 4.34 -7.51
CA ILE A 200 4.84 3.91 -6.52
C ILE A 200 4.45 4.56 -5.20
N VAL A 201 4.41 3.77 -4.13
CA VAL A 201 4.08 4.31 -2.82
C VAL A 201 5.12 3.91 -1.79
N ARG A 202 5.11 4.63 -0.67
CA ARG A 202 5.92 4.26 0.47
C ARG A 202 5.01 4.04 1.68
N ILE A 203 5.22 2.95 2.39
CA ILE A 203 4.40 2.66 3.55
C ILE A 203 5.07 3.25 4.77
N LEU A 204 4.39 4.17 5.43
CA LEU A 204 4.96 4.84 6.60
C LEU A 204 4.38 4.33 7.91
N LYS A 205 5.20 4.34 8.96
CA LYS A 205 4.73 4.07 10.31
C LYS A 205 5.32 5.12 11.24
N GLU A 206 4.44 5.92 11.86
CA GLU A 206 4.90 7.06 12.65
C GLU A 206 4.39 6.99 14.08
N TRP A 207 5.32 7.03 15.04
CA TRP A 207 4.99 6.99 16.45
C TRP A 207 4.09 8.17 16.82
N SER A 208 3.03 7.89 17.55
CA SER A 208 1.97 8.89 17.80
C SER A 208 2.00 9.49 19.20
N HIS A 209 2.98 9.08 20.01
CA HIS A 209 3.12 9.64 21.36
C HIS A 209 1.89 9.41 22.23
N PRO A 210 1.44 8.15 22.33
CA PRO A 210 0.32 7.79 23.22
C PRO A 210 0.56 8.25 24.65
N GLN A 211 -0.52 8.55 25.36
CA GLN A 211 -0.41 9.02 26.74
C GLN A 211 -0.83 7.94 27.74
N PHE A 212 -1.53 6.91 27.26
CA PHE A 212 -1.97 5.81 28.11
C PHE A 212 -2.72 6.30 29.33
#